data_7HP8
#
_entry.id   7HP8
#
_cell.length_a   42.254
_cell.length_b   42.254
_cell.length_c   216.509
_cell.angle_alpha   90.00
_cell.angle_beta   90.00
_cell.angle_gamma   90.00
#
_symmetry.space_group_name_H-M   'P 43 2 2'
#
loop_
_entity.id
_entity.type
_entity.pdbx_description
1 polymer 'Serine protease subunit NS2B'
2 polymer 'Serine protease NS3'
3 non-polymer 'DIMETHYL SULFOXIDE'
4 non-polymer N-(3-methylpyridin-4-yl)-5-propanamidopyridine-3-carboxamide
5 non-polymer 'SULFATE ION'
6 water water
#
loop_
_entity_poly.entity_id
_entity_poly.type
_entity_poly.pdbx_seq_one_letter_code
_entity_poly.pdbx_strand_id
1 'polypeptide(L)' SMGKSVDMYIERAGDITWEKDAEVTGNSPRLDVALDESGDFSLVEE A
2 'polypeptide(L)'
;MKEVKKGETTDGVYRVMTRRLLGSTQVGVGVMQEGVFHTMWHVTKGAALRSGEGRLDPYWGDVKQDLVSYCGPWKLDAAW
DGLSEVQLLAVPPGERAKNIQTLPGIFKTKDGDIGAVALDYPAGTSGSPILDKCGRVIGLYGNGVVIKNGSYVSAITQGK
REEETPVE
;
B
#
loop_
_chem_comp.id
_chem_comp.type
_chem_comp.name
_chem_comp.formula
A1BGO non-polymer N-(3-methylpyridin-4-yl)-5-propanamidopyridine-3-carboxamide 'C15 H16 N4 O2'
DMS non-polymer 'DIMETHYL SULFOXIDE' 'C2 H6 O S'
SO4 non-polymer 'SULFATE ION' 'O4 S -2'
#
# COMPACT_ATOMS: atom_id res chain seq x y z
N ASP A 7 1.45 21.91 -3.79
CA ASP A 7 2.75 21.18 -3.73
C ASP A 7 2.62 20.16 -2.60
N MET A 8 2.61 18.90 -2.98
CA MET A 8 2.58 17.77 -2.05
C MET A 8 3.98 17.64 -1.45
N TYR A 9 4.07 17.11 -0.23
CA TYR A 9 5.34 16.86 0.50
C TYR A 9 5.17 15.59 1.33
N ILE A 10 6.30 14.98 1.68
CA ILE A 10 6.38 13.68 2.41
C ILE A 10 6.95 13.91 3.82
N GLU A 11 6.40 13.18 4.81
CA GLU A 11 6.87 13.09 6.23
C GLU A 11 7.04 11.60 6.57
N ARG A 12 8.20 11.23 7.11
CA ARG A 12 8.45 9.83 7.53
C ARG A 12 7.42 9.48 8.59
N ALA A 13 6.89 8.25 8.53
CA ALA A 13 5.87 7.71 9.47
C ALA A 13 6.30 6.37 10.07
N GLY A 14 7.45 5.79 9.71
CA GLY A 14 7.97 4.64 10.48
C GLY A 14 8.94 3.79 9.68
N ASP A 15 9.48 2.73 10.32
CA ASP A 15 10.29 1.67 9.66
C ASP A 15 9.33 0.68 9.01
N ILE A 16 9.84 -0.07 8.04
CA ILE A 16 9.08 -1.17 7.39
C ILE A 16 9.63 -2.45 8.01
N THR A 17 8.86 -2.99 8.95
N THR A 17 8.89 -3.01 8.95
N THR A 17 8.86 -2.99 8.95
N THR A 17 8.89 -3.01 8.95
CA THR A 17 9.22 -4.15 9.83
CA THR A 17 9.31 -4.21 9.73
CA THR A 17 9.22 -4.15 9.83
CA THR A 17 9.31 -4.21 9.73
C THR A 17 8.00 -5.03 10.07
C THR A 17 8.08 -5.03 10.14
C THR A 17 8.00 -5.03 10.07
C THR A 17 8.08 -5.03 10.14
N TRP A 18 8.19 -6.36 10.00
CA TRP A 18 7.16 -7.30 10.48
C TRP A 18 7.18 -7.19 12.01
N GLU A 19 6.01 -7.09 12.64
N GLU A 19 6.01 -7.09 12.64
N GLU A 19 6.00 -7.08 12.63
N GLU A 19 6.00 -7.08 12.63
CA GLU A 19 5.86 -6.93 14.12
CA GLU A 19 5.86 -6.93 14.12
CA GLU A 19 5.83 -7.00 14.11
CA GLU A 19 5.83 -7.00 14.11
C GLU A 19 5.09 -8.12 14.69
C GLU A 19 5.09 -8.12 14.69
C GLU A 19 5.10 -8.24 14.62
C GLU A 19 5.10 -8.24 14.62
N LYS A 20 5.77 -8.99 15.47
N LYS A 20 5.77 -8.99 15.47
N LYS A 20 5.85 -9.23 15.11
N LYS A 20 5.85 -9.23 15.11
CA LYS A 20 5.18 -10.17 16.13
CA LYS A 20 5.18 -10.17 16.13
CA LYS A 20 5.33 -10.42 15.83
CA LYS A 20 5.33 -10.42 15.83
C LYS A 20 4.06 -9.71 17.08
C LYS A 20 4.06 -9.71 17.08
C LYS A 20 4.40 -9.94 16.95
C LYS A 20 4.40 -9.94 16.95
N ASP A 21 2.98 -10.49 17.18
N ASP A 21 2.98 -10.49 17.18
N ASP A 21 3.14 -10.36 16.93
N ASP A 21 3.14 -10.36 16.93
CA ASP A 21 1.79 -10.17 18.02
CA ASP A 21 1.79 -10.17 18.02
CA ASP A 21 2.13 -10.00 17.96
CA ASP A 21 2.13 -10.00 17.96
C ASP A 21 1.23 -8.80 17.59
C ASP A 21 1.23 -8.80 17.59
C ASP A 21 1.39 -8.72 17.55
C ASP A 21 1.39 -8.72 17.55
N ALA A 22 0.88 -8.65 16.31
CA ALA A 22 0.08 -7.51 15.80
C ALA A 22 -1.40 -7.94 15.75
N GLU A 23 -2.28 -6.93 15.79
N GLU A 23 -2.28 -6.93 15.79
N GLU A 23 -2.33 -6.97 15.77
N GLU A 23 -2.33 -6.97 15.77
CA GLU A 23 -3.77 -7.01 15.81
CA GLU A 23 -3.77 -7.01 15.81
CA GLU A 23 -3.78 -7.23 15.63
CA GLU A 23 -3.78 -7.23 15.63
C GLU A 23 -4.24 -7.76 14.55
C GLU A 23 -4.24 -7.76 14.55
C GLU A 23 -4.01 -8.08 14.37
C GLU A 23 -4.01 -8.08 14.37
N VAL A 24 -4.42 -9.07 14.65
N VAL A 24 -4.42 -9.07 14.65
N VAL A 24 -4.60 -9.27 14.52
N VAL A 24 -4.60 -9.27 14.52
CA VAL A 24 -4.82 -9.96 13.51
CA VAL A 24 -4.82 -9.96 13.51
CA VAL A 24 -4.83 -10.24 13.41
CA VAL A 24 -4.83 -10.24 13.41
C VAL A 24 -6.32 -9.78 13.25
C VAL A 24 -6.32 -9.78 13.25
C VAL A 24 -6.33 -10.22 13.07
C VAL A 24 -6.33 -10.22 13.07
N THR A 25 -6.71 -9.63 11.98
N THR A 25 -6.71 -9.63 11.98
N THR A 25 -6.70 -9.51 12.00
N THR A 25 -6.70 -9.51 12.00
CA THR A 25 -8.11 -9.33 11.57
CA THR A 25 -8.11 -9.33 11.57
CA THR A 25 -8.12 -9.29 11.58
CA THR A 25 -8.12 -9.29 11.58
C THR A 25 -8.20 -9.35 10.04
C THR A 25 -8.20 -9.35 10.04
C THR A 25 -8.20 -9.34 10.05
C THR A 25 -8.20 -9.34 10.05
N GLY A 26 -9.41 -9.12 9.49
CA GLY A 26 -9.69 -9.21 8.05
C GLY A 26 -10.10 -10.62 7.65
N ASN A 27 -11.01 -10.75 6.69
CA ASN A 27 -11.36 -12.01 5.97
C ASN A 27 -10.48 -12.20 4.70
N SER A 28 -10.73 -13.26 3.89
CA SER A 28 -9.96 -13.67 2.67
C SER A 28 -10.89 -13.93 1.50
N PRO A 29 -11.66 -12.96 0.98
CA PRO A 29 -12.66 -13.26 -0.05
C PRO A 29 -12.02 -13.52 -1.43
N ARG A 30 -12.57 -14.50 -2.17
CA ARG A 30 -12.27 -14.75 -3.61
C ARG A 30 -13.31 -14.00 -4.45
N LEU A 31 -12.89 -12.97 -5.20
CA LEU A 31 -13.78 -12.04 -5.93
C LEU A 31 -13.41 -12.03 -7.42
N ASP A 32 -14.41 -12.11 -8.30
CA ASP A 32 -14.28 -11.91 -9.77
C ASP A 32 -14.26 -10.42 -10.09
N VAL A 33 -13.13 -9.91 -10.58
CA VAL A 33 -12.91 -8.46 -10.84
C VAL A 33 -12.44 -8.24 -12.29
N ALA A 34 -12.70 -7.04 -12.82
CA ALA A 34 -12.26 -6.56 -14.17
C ALA A 34 -11.40 -5.33 -13.93
N LEU A 35 -10.29 -5.21 -14.64
CA LEU A 35 -9.43 -4.00 -14.54
C LEU A 35 -9.59 -3.20 -15.84
N ASP A 36 -10.05 -1.96 -15.73
CA ASP A 36 -10.28 -1.04 -16.88
C ASP A 36 -8.98 -0.30 -17.21
N GLU A 37 -8.98 0.41 -18.35
CA GLU A 37 -7.81 1.11 -18.91
C GLU A 37 -7.39 2.24 -17.92
N SER A 38 -8.34 2.80 -17.17
CA SER A 38 -8.09 3.87 -16.18
C SER A 38 -7.55 3.30 -14.86
N GLY A 39 -7.23 1.99 -14.79
CA GLY A 39 -6.69 1.39 -13.55
C GLY A 39 -7.73 1.27 -12.43
N ASP A 40 -9.03 1.30 -12.74
CA ASP A 40 -10.17 1.08 -11.82
C ASP A 40 -10.63 -0.38 -11.91
N PHE A 41 -10.65 -1.07 -10.77
CA PHE A 41 -11.21 -2.44 -10.65
C PHE A 41 -12.73 -2.36 -10.52
N SER A 42 -13.43 -3.42 -10.92
CA SER A 42 -14.88 -3.55 -10.73
C SER A 42 -15.25 -5.03 -10.59
N LEU A 43 -16.34 -5.31 -9.90
CA LEU A 43 -16.83 -6.71 -9.68
C LEU A 43 -17.58 -7.16 -10.93
N VAL A 44 -17.03 -8.13 -11.63
CA VAL A 44 -17.79 -9.08 -12.51
C VAL A 44 -18.67 -9.89 -11.57
N GLU A 45 -19.78 -10.43 -12.07
CA GLU A 45 -20.74 -11.15 -11.18
C GLU A 45 -21.36 -12.33 -11.95
N GLY B 7 17.05 16.48 0.74
CA GLY B 7 15.79 15.90 1.33
C GLY B 7 16.03 14.59 2.07
N GLU B 8 15.03 14.12 2.86
CA GLU B 8 15.10 12.87 3.68
C GLU B 8 14.98 11.64 2.76
N THR B 9 16.05 10.85 2.65
N THR B 9 16.06 10.86 2.69
N THR B 9 16.05 10.85 2.65
N THR B 9 16.06 10.86 2.69
CA THR B 9 16.11 9.66 1.75
CA THR B 9 16.26 9.70 1.78
CA THR B 9 16.11 9.66 1.75
CA THR B 9 16.26 9.70 1.78
C THR B 9 16.17 8.37 2.56
C THR B 9 16.13 8.38 2.56
C THR B 9 16.17 8.37 2.56
C THR B 9 16.13 8.38 2.56
N THR B 10 16.05 8.45 3.89
CA THR B 10 16.05 7.27 4.80
C THR B 10 14.95 6.28 4.36
N ASP B 11 15.32 5.01 4.19
CA ASP B 11 14.35 3.92 3.92
C ASP B 11 13.20 4.00 4.93
N GLY B 12 12.04 3.45 4.57
CA GLY B 12 10.88 3.45 5.49
C GLY B 12 9.63 3.95 4.84
N VAL B 13 8.59 4.17 5.64
CA VAL B 13 7.22 4.50 5.15
C VAL B 13 6.94 5.97 5.47
N TYR B 14 6.26 6.65 4.54
CA TYR B 14 6.11 8.13 4.56
C TYR B 14 4.68 8.49 4.30
N ARG B 15 4.22 9.55 4.93
CA ARG B 15 2.93 10.19 4.58
C ARG B 15 3.18 11.11 3.39
N VAL B 16 2.18 11.21 2.51
CA VAL B 16 2.06 12.18 1.40
C VAL B 16 0.94 13.18 1.72
N MET B 17 1.32 14.44 1.88
CA MET B 17 0.51 15.55 2.42
C MET B 17 0.30 16.61 1.33
N THR B 18 -0.79 17.36 1.41
CA THR B 18 -1.03 18.57 0.61
C THR B 18 -1.54 19.72 1.50
N ARG B 19 -1.18 20.96 1.15
CA ARG B 19 -1.75 22.22 1.73
C ARG B 19 -2.83 22.83 0.81
N ARG B 20 -3.09 22.20 -0.33
CA ARG B 20 -3.99 22.68 -1.44
C ARG B 20 -5.46 22.66 -1.01
N LEU B 21 -5.83 21.83 -0.03
CA LEU B 21 -7.17 21.84 0.61
C LEU B 21 -7.05 22.58 1.97
N LEU B 22 -8.09 22.49 2.82
CA LEU B 22 -8.12 23.07 4.20
C LEU B 22 -7.03 22.42 5.05
N GLY B 23 -6.31 23.19 5.87
CA GLY B 23 -5.19 22.71 6.70
C GLY B 23 -4.18 21.89 5.90
N SER B 24 -3.52 20.95 6.55
CA SER B 24 -2.66 19.89 5.94
C SER B 24 -3.48 18.61 5.78
N THR B 25 -3.66 18.10 4.56
CA THR B 25 -4.51 16.91 4.28
C THR B 25 -3.61 15.76 3.82
N GLN B 26 -3.75 14.56 4.39
CA GLN B 26 -2.93 13.40 3.96
C GLN B 26 -3.66 12.77 2.78
N VAL B 27 -3.08 12.79 1.57
CA VAL B 27 -3.73 12.21 0.35
C VAL B 27 -3.31 10.74 0.19
N GLY B 28 -2.19 10.33 0.78
CA GLY B 28 -1.79 8.91 0.74
C GLY B 28 -0.48 8.71 1.47
N VAL B 29 0.25 7.66 1.10
CA VAL B 29 1.41 7.05 1.83
C VAL B 29 2.34 6.53 0.75
N GLY B 30 3.60 6.28 1.05
CA GLY B 30 4.51 5.57 0.14
C GLY B 30 5.72 5.02 0.83
N VAL B 31 6.56 4.32 0.08
CA VAL B 31 7.75 3.58 0.58
C VAL B 31 8.99 4.21 -0.02
N MET B 32 9.97 4.54 0.84
CA MET B 32 11.31 4.96 0.40
C MET B 32 12.22 3.73 0.48
N GLN B 33 12.84 3.30 -0.61
CA GLN B 33 13.77 2.15 -0.60
C GLN B 33 14.90 2.39 -1.58
N GLU B 34 16.11 2.07 -1.19
CA GLU B 34 17.26 2.31 -2.10
C GLU B 34 17.13 3.68 -2.77
N GLY B 35 16.67 4.75 -2.09
CA GLY B 35 16.69 6.12 -2.63
C GLY B 35 15.57 6.44 -3.59
N VAL B 36 14.66 5.47 -3.84
CA VAL B 36 13.46 5.62 -4.71
C VAL B 36 12.20 5.66 -3.84
N PHE B 37 11.31 6.61 -4.11
CA PHE B 37 9.99 6.76 -3.46
C PHE B 37 8.93 6.10 -4.33
N HIS B 38 8.14 5.21 -3.75
CA HIS B 38 7.14 4.35 -4.42
C HIS B 38 5.78 4.71 -3.86
N THR B 39 4.85 5.17 -4.69
CA THR B 39 3.46 5.35 -4.26
C THR B 39 2.51 4.84 -5.34
N MET B 40 1.21 5.01 -5.10
CA MET B 40 0.15 4.73 -6.08
C MET B 40 -0.14 6.00 -6.91
N TRP B 41 -0.38 5.85 -8.21
N TRP B 41 -0.39 5.84 -8.22
N TRP B 41 -0.38 5.85 -8.21
N TRP B 41 -0.39 5.84 -8.22
CA TRP B 41 -0.57 6.95 -9.19
CA TRP B 41 -0.55 6.98 -9.16
CA TRP B 41 -0.57 6.95 -9.19
CA TRP B 41 -0.55 6.98 -9.16
C TRP B 41 -1.72 7.87 -8.75
C TRP B 41 -1.73 7.87 -8.75
C TRP B 41 -1.72 7.87 -8.75
C TRP B 41 -1.73 7.87 -8.75
N HIS B 42 -2.82 7.31 -8.26
CA HIS B 42 -4.02 8.12 -7.86
C HIS B 42 -3.72 9.05 -6.67
N VAL B 43 -2.62 8.87 -5.94
CA VAL B 43 -2.21 9.70 -4.77
C VAL B 43 -1.61 11.03 -5.28
N THR B 44 -0.60 10.98 -6.16
CA THR B 44 0.21 12.16 -6.61
C THR B 44 -0.31 12.67 -7.96
N LYS B 45 -0.97 11.81 -8.73
CA LYS B 45 -1.27 12.05 -10.17
C LYS B 45 0.02 12.29 -10.96
N GLY B 46 1.18 11.79 -10.52
CA GLY B 46 2.45 11.99 -11.22
C GLY B 46 3.08 13.34 -10.95
N ALA B 47 2.53 14.15 -10.06
CA ALA B 47 3.12 15.45 -9.63
C ALA B 47 4.42 15.22 -8.85
N ALA B 48 5.30 16.22 -8.89
CA ALA B 48 6.51 16.33 -8.05
C ALA B 48 6.11 16.50 -6.57
N LEU B 49 7.06 16.18 -5.69
CA LEU B 49 6.90 16.15 -4.21
C LEU B 49 8.06 16.87 -3.53
N ARG B 50 7.79 17.49 -2.40
CA ARG B 50 8.85 18.09 -1.54
C ARG B 50 9.22 17.09 -0.44
N SER B 51 10.51 17.02 -0.12
CA SER B 51 11.08 16.39 1.10
C SER B 51 12.11 17.35 1.71
N GLY B 52 11.73 18.08 2.76
CA GLY B 52 12.57 19.17 3.28
C GLY B 52 12.56 20.33 2.31
N GLU B 53 13.73 20.87 1.98
CA GLU B 53 13.80 21.80 0.83
C GLU B 53 14.22 21.00 -0.41
N GLY B 54 14.48 19.69 -0.28
CA GLY B 54 14.71 18.75 -1.40
C GLY B 54 13.47 18.56 -2.27
N ARG B 55 13.65 18.12 -3.52
CA ARG B 55 12.55 17.89 -4.53
C ARG B 55 12.63 16.46 -5.11
N LEU B 56 11.49 15.83 -5.32
CA LEU B 56 11.41 14.43 -5.82
C LEU B 56 10.67 14.50 -7.15
N ASP B 57 11.33 14.15 -8.26
CA ASP B 57 10.68 14.16 -9.60
C ASP B 57 10.27 12.75 -10.00
N PRO B 58 9.08 12.57 -10.62
CA PRO B 58 8.63 11.25 -11.07
C PRO B 58 9.66 10.69 -12.06
N TYR B 59 9.77 9.37 -12.10
CA TYR B 59 10.74 8.67 -12.97
C TYR B 59 10.01 7.66 -13.82
N TRP B 60 9.05 6.99 -13.24
CA TRP B 60 8.27 5.89 -13.87
C TRP B 60 6.85 5.95 -13.34
N GLY B 61 5.88 5.69 -14.20
CA GLY B 61 4.49 5.51 -13.77
C GLY B 61 3.66 4.83 -14.81
N ASP B 62 2.49 4.37 -14.39
CA ASP B 62 1.54 3.60 -15.22
C ASP B 62 0.20 3.69 -14.51
N VAL B 63 -0.72 4.46 -15.09
CA VAL B 63 -2.11 4.69 -14.57
C VAL B 63 -2.82 3.34 -14.50
N LYS B 64 -2.52 2.39 -15.39
CA LYS B 64 -3.27 1.12 -15.39
C LYS B 64 -2.87 0.26 -14.17
N GLN B 65 -1.55 0.09 -13.91
CA GLN B 65 -0.99 -0.53 -12.70
C GLN B 65 -1.30 0.30 -11.44
N ASP B 66 -1.65 1.57 -11.65
CA ASP B 66 -1.90 2.65 -10.66
C ASP B 66 -0.69 2.78 -9.76
N LEU B 67 0.54 2.72 -10.31
CA LEU B 67 1.83 2.87 -9.57
C LEU B 67 2.67 4.04 -10.10
N VAL B 68 3.54 4.61 -9.25
CA VAL B 68 4.56 5.63 -9.67
C VAL B 68 5.81 5.55 -8.77
N SER B 69 7.00 5.73 -9.36
CA SER B 69 8.30 5.79 -8.65
C SER B 69 8.92 7.19 -8.79
N TYR B 70 9.71 7.62 -7.79
CA TYR B 70 10.38 8.94 -7.80
C TYR B 70 11.88 8.75 -7.58
N CYS B 71 12.69 9.45 -8.39
N CYS B 71 12.69 9.45 -8.39
N CYS B 71 12.71 9.42 -8.38
N CYS B 71 12.71 9.42 -8.38
CA CYS B 71 14.18 9.56 -8.36
CA CYS B 71 14.18 9.56 -8.36
CA CYS B 71 14.20 9.51 -8.27
CA CYS B 71 14.20 9.51 -8.27
C CYS B 71 14.84 8.36 -9.05
C CYS B 71 14.84 8.36 -9.05
C CYS B 71 14.87 8.25 -8.82
C CYS B 71 14.87 8.25 -8.82
N GLY B 72 14.10 7.30 -9.34
CA GLY B 72 14.70 6.07 -9.86
C GLY B 72 13.63 5.08 -10.26
N PRO B 73 14.04 3.95 -10.83
CA PRO B 73 13.09 2.92 -11.25
C PRO B 73 12.47 2.19 -10.05
N TRP B 74 11.26 1.62 -10.20
CA TRP B 74 10.60 0.68 -9.27
C TRP B 74 11.60 -0.34 -8.73
N LYS B 75 11.71 -0.45 -7.40
CA LYS B 75 12.72 -1.28 -6.68
C LYS B 75 12.11 -2.50 -5.98
N LEU B 76 10.79 -2.55 -5.75
CA LEU B 76 10.12 -3.55 -4.87
C LEU B 76 9.70 -4.76 -5.72
N ASP B 77 10.42 -5.88 -5.55
CA ASP B 77 10.26 -7.09 -6.40
C ASP B 77 9.65 -8.27 -5.61
N ALA B 78 9.37 -8.17 -4.31
CA ALA B 78 8.86 -9.33 -3.53
C ALA B 78 7.39 -9.56 -3.92
N ALA B 79 6.96 -10.83 -3.84
CA ALA B 79 5.60 -11.28 -4.14
C ALA B 79 4.99 -12.07 -2.97
N TRP B 80 3.67 -11.95 -2.76
CA TRP B 80 2.86 -12.90 -1.94
C TRP B 80 3.16 -14.32 -2.42
N ASP B 81 3.30 -15.26 -1.50
CA ASP B 81 3.74 -16.64 -1.86
C ASP B 81 2.49 -17.44 -2.18
N GLY B 82 1.32 -16.85 -1.89
CA GLY B 82 -0.03 -17.39 -2.16
C GLY B 82 -0.60 -18.15 -0.98
N LEU B 83 0.20 -18.35 0.08
CA LEU B 83 -0.14 -19.20 1.24
C LEU B 83 -0.14 -18.37 2.52
N SER B 84 0.98 -17.73 2.84
CA SER B 84 1.30 -17.16 4.18
C SER B 84 0.42 -15.93 4.47
N GLU B 85 0.25 -15.62 5.74
CA GLU B 85 -0.34 -14.35 6.21
C GLU B 85 0.72 -13.26 5.95
N VAL B 86 0.21 -12.02 5.95
CA VAL B 86 0.96 -10.78 5.63
C VAL B 86 0.58 -9.70 6.62
N GLN B 87 1.31 -8.57 6.62
CA GLN B 87 0.94 -7.37 7.44
C GLN B 87 0.78 -6.14 6.52
N LEU B 88 -0.38 -5.51 6.57
CA LEU B 88 -0.61 -4.10 6.17
C LEU B 88 0.02 -3.18 7.22
N LEU B 89 1.14 -2.54 6.89
CA LEU B 89 1.65 -1.41 7.67
C LEU B 89 0.79 -0.22 7.32
N ALA B 90 -0.41 -0.16 7.91
CA ALA B 90 -1.35 0.95 7.68
C ALA B 90 -0.79 2.24 8.26
N VAL B 91 -0.83 3.31 7.45
CA VAL B 91 -0.55 4.70 7.94
C VAL B 91 -1.76 5.59 7.67
N PRO B 92 -2.79 5.57 8.53
CA PRO B 92 -4.01 6.35 8.31
C PRO B 92 -3.85 7.83 8.65
N PRO B 93 -4.73 8.70 8.14
CA PRO B 93 -4.54 10.14 8.34
C PRO B 93 -4.62 10.45 9.84
N GLY B 94 -3.70 11.30 10.32
CA GLY B 94 -3.62 11.77 11.71
C GLY B 94 -3.29 10.70 12.76
N GLU B 95 -3.08 9.42 12.40
CA GLU B 95 -2.94 8.30 13.35
C GLU B 95 -1.60 7.63 13.13
N ARG B 96 -1.01 7.03 14.16
CA ARG B 96 0.33 6.40 14.08
C ARG B 96 0.28 5.19 13.14
N ALA B 97 1.41 4.93 12.46
CA ALA B 97 1.69 3.68 11.75
C ALA B 97 1.26 2.50 12.61
N LYS B 98 0.40 1.61 12.10
CA LYS B 98 -0.08 0.42 12.83
C LYS B 98 -0.09 -0.80 11.89
N ASN B 99 0.66 -1.85 12.22
CA ASN B 99 0.66 -3.17 11.52
C ASN B 99 -0.66 -3.89 11.81
N ILE B 100 -1.21 -4.57 10.82
CA ILE B 100 -2.50 -5.31 10.90
C ILE B 100 -2.29 -6.58 10.10
N GLN B 101 -2.35 -7.73 10.74
CA GLN B 101 -1.96 -9.01 10.13
C GLN B 101 -3.23 -9.64 9.59
N THR B 102 -3.16 -10.25 8.38
CA THR B 102 -4.32 -10.77 7.60
C THR B 102 -3.84 -11.85 6.62
N LEU B 103 -4.75 -12.78 6.26
CA LEU B 103 -4.58 -13.75 5.14
C LEU B 103 -5.30 -13.16 3.92
N PRO B 104 -4.52 -12.81 2.88
CA PRO B 104 -5.11 -12.20 1.71
C PRO B 104 -6.11 -13.17 1.03
N GLY B 105 -7.23 -12.60 0.58
CA GLY B 105 -8.06 -13.21 -0.45
C GLY B 105 -7.40 -13.07 -1.82
N ILE B 106 -8.22 -13.23 -2.86
CA ILE B 106 -7.82 -13.36 -4.30
C ILE B 106 -8.77 -12.49 -5.15
N PHE B 107 -8.24 -11.59 -5.96
CA PHE B 107 -8.91 -11.02 -7.15
C PHE B 107 -8.66 -11.97 -8.32
N LYS B 108 -9.71 -12.57 -8.86
CA LYS B 108 -9.70 -13.37 -10.12
C LYS B 108 -9.97 -12.43 -11.29
N THR B 109 -9.02 -12.30 -12.22
CA THR B 109 -9.14 -11.48 -13.46
C THR B 109 -8.82 -12.35 -14.69
N LYS B 110 -9.32 -11.94 -15.86
CA LYS B 110 -9.03 -12.56 -17.18
C LYS B 110 -7.51 -12.68 -17.35
N ASP B 111 -6.72 -11.73 -16.84
CA ASP B 111 -5.23 -11.70 -17.03
C ASP B 111 -4.51 -12.48 -15.93
N GLY B 112 -5.18 -12.75 -14.81
CA GLY B 112 -4.62 -13.60 -13.74
C GLY B 112 -5.23 -13.31 -12.38
N ASP B 113 -4.80 -14.06 -11.37
CA ASP B 113 -5.21 -13.90 -9.95
C ASP B 113 -4.20 -13.00 -9.23
N ILE B 114 -4.71 -12.12 -8.37
CA ILE B 114 -3.89 -11.17 -7.58
C ILE B 114 -4.32 -11.36 -6.13
N GLY B 115 -3.39 -11.32 -5.19
CA GLY B 115 -3.72 -11.16 -3.76
C GLY B 115 -4.60 -9.95 -3.55
N ALA B 116 -5.45 -10.03 -2.55
CA ALA B 116 -6.31 -8.94 -2.08
C ALA B 116 -6.37 -8.99 -0.56
N VAL B 117 -6.40 -7.82 0.09
N VAL B 117 -6.45 -7.81 0.07
N VAL B 117 -6.40 -7.82 0.09
N VAL B 117 -6.45 -7.81 0.07
CA VAL B 117 -6.50 -7.68 1.57
CA VAL B 117 -6.49 -7.60 1.54
CA VAL B 117 -6.50 -7.68 1.57
CA VAL B 117 -6.49 -7.60 1.54
C VAL B 117 -7.82 -6.96 1.92
C VAL B 117 -7.83 -6.95 1.91
C VAL B 117 -7.82 -6.96 1.92
C VAL B 117 -7.83 -6.95 1.91
N ALA B 118 -8.64 -7.57 2.77
CA ALA B 118 -9.96 -7.00 3.16
C ALA B 118 -9.78 -6.23 4.47
N LEU B 119 -9.29 -4.98 4.42
CA LEU B 119 -9.17 -4.10 5.61
C LEU B 119 -9.75 -2.74 5.23
N ASP B 120 -10.46 -2.10 6.15
CA ASP B 120 -11.34 -0.96 5.83
C ASP B 120 -10.67 0.29 6.42
N TYR B 121 -9.96 1.08 5.62
CA TYR B 121 -9.28 2.32 6.08
C TYR B 121 -9.66 3.46 5.16
N PRO B 122 -9.47 4.74 5.57
CA PRO B 122 -9.80 5.86 4.71
C PRO B 122 -8.91 5.90 3.46
N ALA B 123 -9.37 6.64 2.47
CA ALA B 123 -8.72 6.74 1.14
C ALA B 123 -7.30 7.31 1.29
N GLY B 124 -7.08 8.23 2.25
CA GLY B 124 -5.75 8.81 2.51
C GLY B 124 -4.72 7.77 2.96
N THR B 125 -5.13 6.51 3.27
CA THR B 125 -4.22 5.38 3.60
C THR B 125 -3.63 4.72 2.35
N SER B 126 -4.12 5.11 1.16
CA SER B 126 -3.67 4.62 -0.18
C SER B 126 -2.13 4.69 -0.27
N GLY B 127 -1.48 3.55 -0.54
CA GLY B 127 -0.01 3.51 -0.68
C GLY B 127 0.69 2.87 0.49
N SER B 128 -0.03 2.61 1.60
CA SER B 128 0.51 1.86 2.74
C SER B 128 1.03 0.54 2.23
N PRO B 129 2.27 0.14 2.59
CA PRO B 129 2.80 -1.15 2.19
C PRO B 129 2.30 -2.41 2.88
N ILE B 130 2.42 -3.49 2.14
CA ILE B 130 2.05 -4.85 2.58
C ILE B 130 3.34 -5.64 2.66
N LEU B 131 3.59 -6.34 3.77
CA LEU B 131 4.88 -7.02 4.06
C LEU B 131 4.71 -8.53 4.14
N ASP B 132 5.77 -9.26 3.79
CA ASP B 132 5.93 -10.69 4.11
C ASP B 132 6.66 -10.82 5.46
N LYS B 133 6.79 -12.06 5.92
CA LYS B 133 7.29 -12.47 7.25
C LYS B 133 8.72 -11.93 7.40
N CYS B 134 9.43 -11.74 6.29
CA CYS B 134 10.84 -11.28 6.31
C CYS B 134 10.92 -9.75 6.25
N GLY B 135 9.79 -9.04 6.40
CA GLY B 135 9.76 -7.57 6.33
C GLY B 135 9.91 -6.98 4.91
N ARG B 136 9.82 -7.79 3.84
CA ARG B 136 9.95 -7.26 2.44
C ARG B 136 8.61 -6.77 1.92
N VAL B 137 8.58 -5.63 1.20
CA VAL B 137 7.28 -5.07 0.69
C VAL B 137 6.84 -5.92 -0.53
N ILE B 138 5.66 -6.53 -0.45
CA ILE B 138 5.12 -7.40 -1.55
C ILE B 138 4.09 -6.59 -2.36
N GLY B 139 3.81 -5.34 -1.97
CA GLY B 139 2.90 -4.53 -2.79
C GLY B 139 2.29 -3.43 -1.97
N LEU B 140 1.40 -2.66 -2.58
CA LEU B 140 0.80 -1.48 -1.93
C LEU B 140 -0.72 -1.64 -1.91
N TYR B 141 -1.28 -1.06 -0.85
CA TYR B 141 -2.70 -1.10 -0.48
C TYR B 141 -3.34 0.19 -0.96
N GLY B 142 -4.55 0.11 -1.50
CA GLY B 142 -5.30 1.34 -1.84
C GLY B 142 -5.93 1.33 -3.23
N ASN B 143 -5.74 0.27 -4.03
CA ASN B 143 -6.52 0.13 -5.28
C ASN B 143 -7.31 -1.18 -5.29
N GLY B 144 -8.61 -1.07 -5.25
CA GLY B 144 -9.46 -2.27 -5.33
C GLY B 144 -10.90 -1.89 -5.50
N VAL B 145 -11.78 -2.47 -4.69
CA VAL B 145 -13.22 -2.54 -4.99
C VAL B 145 -14.05 -2.43 -3.71
N VAL B 146 -15.31 -2.01 -3.86
CA VAL B 146 -16.28 -1.84 -2.74
C VAL B 146 -17.29 -2.98 -2.85
N ILE B 147 -17.44 -3.80 -1.80
CA ILE B 147 -18.04 -5.16 -1.95
C ILE B 147 -19.50 -5.15 -1.51
N LYS B 148 -20.20 -6.28 -1.72
N LYS B 148 -20.20 -6.28 -1.72
N LYS B 148 -20.19 -6.28 -1.72
N LYS B 148 -20.19 -6.28 -1.72
CA LYS B 148 -21.60 -6.52 -1.29
CA LYS B 148 -21.60 -6.52 -1.29
CA LYS B 148 -21.60 -6.53 -1.29
CA LYS B 148 -21.60 -6.53 -1.29
C LYS B 148 -21.85 -5.85 0.07
C LYS B 148 -21.85 -5.85 0.07
C LYS B 148 -21.86 -5.87 0.08
C LYS B 148 -21.86 -5.87 0.08
N ASN B 149 -20.92 -6.01 1.01
CA ASN B 149 -21.05 -5.56 2.44
C ASN B 149 -20.94 -4.04 2.62
N GLY B 150 -20.29 -3.32 1.70
CA GLY B 150 -20.00 -1.87 1.85
C GLY B 150 -18.53 -1.59 2.18
N SER B 151 -17.80 -2.61 2.65
N SER B 151 -17.81 -2.61 2.65
N SER B 151 -17.80 -2.61 2.65
N SER B 151 -17.81 -2.61 2.65
CA SER B 151 -16.36 -2.53 3.03
CA SER B 151 -16.37 -2.54 3.03
CA SER B 151 -16.36 -2.53 3.03
CA SER B 151 -16.37 -2.54 3.03
C SER B 151 -15.49 -2.43 1.77
C SER B 151 -15.48 -2.45 1.78
C SER B 151 -15.49 -2.43 1.77
C SER B 151 -15.48 -2.45 1.78
N TYR B 152 -14.21 -2.05 1.95
CA TYR B 152 -13.20 -1.97 0.87
C TYR B 152 -12.34 -3.26 0.85
N VAL B 153 -12.08 -3.80 -0.33
CA VAL B 153 -11.07 -4.87 -0.59
C VAL B 153 -10.02 -4.32 -1.58
N SER B 154 -8.75 -4.22 -1.19
CA SER B 154 -7.61 -3.72 -1.99
C SER B 154 -6.81 -4.89 -2.58
N ALA B 155 -6.40 -4.76 -3.85
CA ALA B 155 -5.36 -5.60 -4.45
C ALA B 155 -4.09 -5.42 -3.61
N ILE B 156 -3.27 -6.46 -3.56
CA ILE B 156 -1.81 -6.32 -3.37
C ILE B 156 -1.20 -5.89 -4.72
N THR B 157 -1.07 -4.57 -4.95
CA THR B 157 -0.51 -3.94 -6.18
C THR B 157 1.03 -3.85 -6.06
N GLN B 158 1.74 -4.67 -6.84
CA GLN B 158 3.22 -4.67 -6.95
C GLN B 158 3.60 -4.29 -8.41
N GLY B 159 4.70 -3.58 -8.56
CA GLY B 159 5.28 -3.29 -9.88
C GLY B 159 6.29 -4.34 -10.27
N LYS B 160 6.83 -4.21 -11.48
N LYS B 160 6.83 -4.21 -11.48
N LYS B 160 6.81 -4.23 -11.49
N LYS B 160 6.81 -4.23 -11.49
CA LYS B 160 7.92 -5.06 -12.03
CA LYS B 160 7.92 -5.06 -12.03
CA LYS B 160 7.91 -5.05 -12.05
CA LYS B 160 7.91 -5.05 -12.05
C LYS B 160 9.26 -4.33 -11.80
C LYS B 160 9.26 -4.33 -11.80
C LYS B 160 9.24 -4.33 -11.76
C LYS B 160 9.24 -4.33 -11.76
N ARG B 161 10.34 -5.07 -11.57
CA ARG B 161 11.73 -4.52 -11.43
C ARG B 161 12.56 -5.05 -12.62
N GLU B 162 13.13 -4.17 -13.45
CA GLU B 162 13.82 -4.53 -14.73
C GLU B 162 15.34 -4.53 -14.51
S DMS C . -10.24 3.56 0.70
S DMS C . -10.24 3.56 0.70
S DMS C . -13.98 3.83 6.92
S DMS C . -13.98 3.83 6.92
O DMS C . -11.45 2.68 0.75
O DMS C . -11.45 2.68 0.75
O DMS C . -14.73 4.42 8.09
O DMS C . -14.73 4.42 8.09
C1 DMS C . -9.93 3.91 -1.01
C1 DMS C . -9.93 3.91 -1.01
C1 DMS C . -12.67 2.87 7.63
C1 DMS C . -12.67 2.87 7.63
C2 DMS C . -8.83 2.51 0.99
C2 DMS C . -8.83 2.51 0.99
C2 DMS C . -12.98 5.14 6.27
C2 DMS C . -12.98 5.14 6.27
S DMS D . -0.07 16.80 -13.07
S DMS D . -0.07 16.80 -13.07
S DMS D . 0.18 13.85 10.57
S DMS D . 0.18 13.85 10.57
O DMS D . 0.48 15.47 -13.50
O DMS D . 0.48 15.47 -13.50
O DMS D . 1.48 13.45 11.19
O DMS D . 1.48 13.45 11.19
C1 DMS D . 1.28 17.66 -12.29
C1 DMS D . 1.28 17.66 -12.29
C1 DMS D . 0.50 15.33 9.66
C1 DMS D . 0.50 15.33 9.66
C2 DMS D . -1.03 16.50 -11.62
C2 DMS D . -1.03 16.50 -11.62
C2 DMS D . -0.77 14.58 11.88
C2 DMS D . -0.77 14.58 11.88
S DMS E . -11.68 2.99 -4.89
S DMS E . -11.68 2.99 -4.89
O DMS E . -12.07 2.10 -6.03
O DMS E . -12.07 2.10 -6.03
C1 DMS E . -10.02 3.53 -5.24
C1 DMS E . -10.02 3.53 -5.24
C2 DMS E . -12.50 4.53 -5.18
C2 DMS E . -12.50 4.53 -5.18
N1 A1BGO F . -11.60 3.27 1.48
N1 A1BGO F . -11.60 3.27 1.48
N3 A1BGO F . -8.70 4.58 -3.72
N3 A1BGO F . -8.70 4.58 -3.72
C4 A1BGO F . -10.52 3.29 0.57
C4 A1BGO F . -10.52 3.29 0.57
C5 A1BGO F . -9.31 2.68 0.89
C5 A1BGO F . -9.31 2.68 0.89
C6 A1BGO F . -8.39 3.30 -1.12
C6 A1BGO F . -8.39 3.30 -1.12
C7 A1BGO F . -9.56 3.94 -1.54
C7 A1BGO F . -9.56 3.94 -1.54
C8 A1BGO F . -9.73 4.62 -2.85
C8 A1BGO F . -9.73 4.62 -2.85
C10 A1BGO F . -8.57 3.90 -6.07
C10 A1BGO F . -8.57 3.90 -6.07
C13 A1BGO F . -8.99 6.20 -5.55
C13 A1BGO F . -8.99 6.20 -5.55
C15 A1BGO F . -10.64 3.93 -0.66
C15 A1BGO F . -10.64 3.93 -0.66
C1 A1BGO F . -13.93 3.45 3.47
C1 A1BGO F . -13.93 3.45 3.47
C2 A1BGO F . -13.73 2.53 2.31
C2 A1BGO F . -13.73 2.53 2.31
C3 A1BGO F . -12.92 3.13 1.19
C3 A1BGO F . -12.92 3.13 1.19
O1 A1BGO F . -13.40 3.46 0.12
O1 A1BGO F . -13.40 3.46 0.12
N2 A1BGO F . -8.25 2.69 0.06
N2 A1BGO F . -8.25 2.69 0.06
O2 A1BGO F . -10.79 5.20 -3.11
O2 A1BGO F . -10.79 5.20 -3.11
C9 A1BGO F . -8.76 4.89 -5.12
C9 A1BGO F . -8.76 4.89 -5.12
C11 A1BGO F . -8.63 4.25 -7.40
C11 A1BGO F . -8.63 4.25 -7.40
N4 A1BGO F . -8.86 5.49 -7.83
N4 A1BGO F . -8.86 5.49 -7.83
C12 A1BGO F . -9.04 6.44 -6.91
C12 A1BGO F . -9.04 6.44 -6.91
C14 A1BGO F . -9.20 7.33 -4.57
C14 A1BGO F . -9.20 7.33 -4.57
S SO4 G . 0.77 16.72 -12.96
S SO4 G . 0.77 16.72 -12.96
O1 SO4 G . 0.30 17.09 -11.66
O1 SO4 G . 0.30 17.09 -11.66
O2 SO4 G . 1.81 15.73 -12.85
O2 SO4 G . 1.81 15.73 -12.85
O3 SO4 G . -0.33 16.16 -13.73
O3 SO4 G . -0.33 16.16 -13.73
O4 SO4 G . 1.28 17.88 -13.64
O4 SO4 G . 1.28 17.88 -13.64
#